data_7ZEG
#
_entry.id   7ZEG
#
_cell.length_a   40.755
_cell.length_b   79.135
_cell.length_c   94.388
_cell.angle_alpha   90.000
_cell.angle_beta   93.227
_cell.angle_gamma   90.000
#
_symmetry.space_group_name_H-M   'P 1 21 1'
#
loop_
_entity.id
_entity.type
_entity.pdbx_description
1 polymer "7-methylguanosine phosphate-specific 5'-nucleotidase"
2 non-polymer "N7-(3,4-difluorobenzyl) guanosine 5'-monophosphate"
3 non-polymer 1,2-ETHANEDIOL
4 non-polymer 'MAGNESIUM ION'
5 water water
#
_entity_poly.entity_id   1
_entity_poly.type   'polypeptide(L)'
_entity_poly.pdbx_seq_one_letter_code
;RSMAEEVSTLMKATVLMRQPGRVQEIVGALRKGGGDRLQVISDFDMTLSRFAYNGKRCPSSYNILDNSKIISEECRKELT
ALLHHYYPIEIDPHRTVKEKLPHMVEWWTKAHNLLCQQKIQKFQIAQVVRESNAMLREGYKTFFNTLYHNNIPLFIFSAG
IGDILEEIIRQMKVFHPNIHIVSNYMDFNEDGFLQGFKGQLIHTYNKNSSACENSGYFQQLEGKTNVILLGDSIGDLTMA
DGVPGVQNILKIGFLNDKVEERRERYMDSYDIVLEKDETLDVVNGLLQHILCQGVQLEMQGP
;
_entity_poly.pdbx_strand_id   A,B
#
loop_
_chem_comp.id
_chem_comp.type
_chem_comp.name
_chem_comp.formula
EDO non-polymer 1,2-ETHANEDIOL 'C2 H6 O2'
IOO L-RNA linking 'N7-(3,4-difluorobenzyl) guanosine 5'-monophosphate' 'C17 H19 F2 N5 O8 P 1'
MG non-polymer 'MAGNESIUM ION' 'Mg 2'
#
# COMPACT_ATOMS: atom_id res chain seq x y z
N GLU A 6 23.19 18.58 -8.84
CA GLU A 6 22.97 19.99 -8.52
C GLU A 6 21.95 20.60 -9.47
N VAL A 7 20.87 21.14 -8.91
CA VAL A 7 19.75 21.68 -9.68
C VAL A 7 19.64 23.16 -9.32
N SER A 8 20.15 24.02 -10.20
CA SER A 8 20.15 25.46 -9.94
C SER A 8 18.75 25.99 -9.65
N THR A 9 17.74 25.44 -10.34
CA THR A 9 16.40 26.00 -10.28
C THR A 9 15.80 25.92 -8.89
N LEU A 10 16.23 24.95 -8.08
CA LEU A 10 15.68 24.72 -6.75
C LEU A 10 16.16 25.75 -5.74
N MET A 11 17.01 26.69 -6.14
CA MET A 11 17.48 27.75 -5.26
C MET A 11 16.63 29.01 -5.36
N LYS A 12 15.57 28.99 -6.16
CA LYS A 12 14.69 30.16 -6.30
C LYS A 12 14.06 30.46 -4.95
N ALA A 13 13.78 31.76 -4.73
CA ALA A 13 13.31 32.21 -3.42
C ALA A 13 11.96 31.60 -3.02
N THR A 14 11.16 31.18 -3.99
CA THR A 14 9.84 30.62 -3.70
C THR A 14 9.89 29.16 -3.25
N VAL A 15 11.04 28.51 -3.31
CA VAL A 15 11.14 27.07 -3.09
C VAL A 15 11.22 26.77 -1.60
N LEU A 16 10.43 25.78 -1.18
CA LEU A 16 10.51 25.23 0.16
C LEU A 16 10.64 23.71 0.03
N MET A 17 11.59 23.13 0.76
CA MET A 17 11.80 21.70 0.74
C MET A 17 12.06 21.23 2.16
N ARG A 18 11.18 20.35 2.66
CA ARG A 18 11.41 19.76 3.98
C ARG A 18 12.61 18.83 3.97
N GLN A 19 12.77 18.02 2.91
CA GLN A 19 13.87 17.08 2.78
C GLN A 19 14.59 17.33 1.47
N PRO A 20 15.47 18.33 1.42
CA PRO A 20 16.21 18.60 0.16
C PRO A 20 17.05 17.44 -0.30
N GLY A 21 17.63 16.68 0.62
CA GLY A 21 18.41 15.51 0.22
C GLY A 21 17.55 14.47 -0.47
N ARG A 22 16.34 14.25 0.04
CA ARG A 22 15.43 13.31 -0.61
C ARG A 22 15.01 13.83 -1.98
N VAL A 23 14.82 15.14 -2.11
CA VAL A 23 14.42 15.72 -3.39
C VAL A 23 15.51 15.49 -4.43
N GLN A 24 16.78 15.69 -4.04
CA GLN A 24 17.86 15.47 -5.00
C GLN A 24 17.98 14.01 -5.40
N GLU A 25 17.61 13.09 -4.51
CA GLU A 25 17.56 11.67 -4.88
C GLU A 25 16.49 11.40 -5.92
N ILE A 26 15.28 11.95 -5.71
CA ILE A 26 14.19 11.74 -6.66
C ILE A 26 14.53 12.38 -8.00
N VAL A 27 15.04 13.61 -7.98
CA VAL A 27 15.38 14.28 -9.23
C VAL A 27 16.45 13.50 -9.99
N GLY A 28 17.45 12.99 -9.27
CA GLY A 28 18.47 12.18 -9.93
C GLY A 28 17.89 10.91 -10.54
N ALA A 29 16.87 10.33 -9.90
CA ALA A 29 16.22 9.16 -10.47
C ALA A 29 15.45 9.52 -11.74
N LEU A 30 14.72 10.64 -11.72
CA LEU A 30 14.03 11.12 -12.92
C LEU A 30 15.02 11.46 -14.02
N ARG A 31 16.19 12.00 -13.64
CA ARG A 31 17.22 12.30 -14.62
C ARG A 31 17.69 11.05 -15.36
N LYS A 32 17.94 9.98 -14.61
CA LYS A 32 18.42 8.74 -15.23
C LYS A 32 17.35 8.14 -16.15
N GLY A 33 16.08 8.25 -15.77
CA GLY A 33 15.01 7.76 -16.63
C GLY A 33 14.86 8.60 -17.89
N GLY A 34 15.07 9.91 -17.79
CA GLY A 34 14.96 10.76 -18.96
C GLY A 34 13.52 10.97 -19.39
N GLY A 35 13.38 11.56 -20.57
CA GLY A 35 12.05 11.80 -21.11
C GLY A 35 11.29 10.53 -21.44
N ASP A 36 12.01 9.46 -21.81
CA ASP A 36 11.36 8.23 -22.23
C ASP A 36 10.40 7.69 -21.19
N ARG A 37 10.75 7.81 -19.90
CA ARG A 37 9.95 7.23 -18.84
C ARG A 37 9.09 8.26 -18.11
N LEU A 38 9.08 9.50 -18.55
CA LEU A 38 8.45 10.60 -17.82
C LEU A 38 7.03 10.86 -18.31
N GLN A 39 6.14 11.17 -17.36
CA GLN A 39 4.84 11.73 -17.66
C GLN A 39 4.53 12.78 -16.61
N VAL A 40 3.76 13.80 -16.98
CA VAL A 40 3.41 14.87 -16.05
C VAL A 40 1.92 14.79 -15.77
N ILE A 41 1.57 14.78 -14.48
CA ILE A 41 0.19 14.70 -14.02
C ILE A 41 -0.09 15.98 -13.25
N SER A 42 -0.95 16.85 -13.77
CA SER A 42 -1.08 18.18 -13.22
C SER A 42 -2.54 18.56 -13.00
N ASP A 43 -2.84 19.18 -11.86
CA ASP A 43 -4.10 19.89 -11.71
C ASP A 43 -4.09 21.13 -12.59
N PHE A 44 -5.28 21.64 -12.89
CA PHE A 44 -5.37 22.87 -13.67
C PHE A 44 -5.54 24.13 -12.83
N ASP A 45 -6.70 24.27 -12.19
CA ASP A 45 -7.05 25.53 -11.54
C ASP A 45 -6.05 25.88 -10.44
N MET A 46 -5.46 27.06 -10.53
CA MET A 46 -4.47 27.59 -9.58
C MET A 46 -3.19 26.78 -9.55
N THR A 47 -3.00 25.84 -10.48
CA THR A 47 -1.73 25.15 -10.65
C THR A 47 -1.14 25.58 -11.99
N LEU A 48 -1.75 25.16 -13.09
CA LEU A 48 -1.34 25.71 -14.39
C LEU A 48 -1.90 27.10 -14.61
N SER A 49 -3.07 27.41 -14.06
CA SER A 49 -3.59 28.77 -14.12
C SER A 49 -3.12 29.55 -12.90
N ARG A 50 -3.07 30.88 -13.05
CA ARG A 50 -2.56 31.76 -12.02
C ARG A 50 -3.54 31.93 -10.87
N PHE A 51 -3.00 32.13 -9.67
CA PHE A 51 -3.83 32.46 -8.52
C PHE A 51 -4.25 33.93 -8.55
N ALA A 52 -3.31 34.83 -8.82
CA ALA A 52 -3.63 36.26 -8.88
C ALA A 52 -2.71 36.95 -9.87
N TYR A 53 -3.16 38.09 -10.37
CA TYR A 53 -2.36 38.91 -11.26
C TYR A 53 -2.62 40.38 -10.94
N ASN A 54 -1.54 41.13 -10.69
CA ASN A 54 -1.64 42.56 -10.43
C ASN A 54 -2.56 42.85 -9.24
N GLY A 55 -2.45 42.02 -8.20
CA GLY A 55 -3.25 42.21 -7.00
C GLY A 55 -4.71 41.83 -7.12
N LYS A 56 -5.12 41.17 -8.19
CA LYS A 56 -6.50 40.73 -8.38
C LYS A 56 -6.55 39.23 -8.56
N ARG A 57 -7.54 38.59 -7.91
CA ARG A 57 -7.68 37.14 -7.97
C ARG A 57 -8.12 36.69 -9.36
N CYS A 58 -7.46 35.66 -9.89
CA CYS A 58 -7.82 35.09 -11.18
C CYS A 58 -8.95 34.07 -11.03
N PRO A 59 -9.81 33.94 -12.02
CA PRO A 59 -10.96 33.03 -11.89
C PRO A 59 -10.56 31.57 -12.02
N SER A 60 -11.31 30.72 -11.32
CA SER A 60 -11.25 29.29 -11.56
C SER A 60 -12.12 28.95 -12.77
N SER A 61 -11.97 27.71 -13.25
CA SER A 61 -12.79 27.26 -14.37
C SER A 61 -14.26 27.30 -14.01
N TYR A 62 -14.59 27.04 -12.74
CA TYR A 62 -15.97 27.17 -12.26
C TYR A 62 -16.45 28.62 -12.32
N ASN A 63 -15.58 29.57 -11.96
CA ASN A 63 -15.96 30.98 -12.00
C ASN A 63 -16.28 31.43 -13.42
N ILE A 64 -15.46 30.98 -14.38
CA ILE A 64 -15.67 31.36 -15.77
C ILE A 64 -17.06 30.95 -16.24
N LEU A 65 -17.50 29.75 -15.84
CA LEU A 65 -18.85 29.31 -16.14
C LEU A 65 -19.87 30.08 -15.29
N ASP A 66 -19.60 30.21 -13.99
CA ASP A 66 -20.60 30.78 -13.07
C ASP A 66 -20.90 32.24 -13.37
N ASN A 67 -19.92 33.00 -13.83
CA ASN A 67 -20.12 34.41 -14.15
C ASN A 67 -20.46 34.65 -15.62
N SER A 68 -20.63 33.60 -16.42
CA SER A 68 -20.78 33.78 -17.85
C SER A 68 -22.21 34.16 -18.24
N LYS A 69 -22.34 34.70 -19.46
CA LYS A 69 -23.63 35.12 -19.99
C LYS A 69 -24.49 33.96 -20.44
N ILE A 70 -23.91 32.77 -20.70
CA ILE A 70 -24.72 31.63 -21.08
C ILE A 70 -25.56 31.11 -19.91
N ILE A 71 -25.15 31.42 -18.68
CA ILE A 71 -25.90 31.01 -17.50
C ILE A 71 -26.90 32.10 -17.14
N SER A 72 -28.17 31.70 -16.99
CA SER A 72 -29.23 32.65 -16.70
C SER A 72 -29.19 33.07 -15.23
N GLU A 73 -29.99 34.10 -14.92
CA GLU A 73 -30.08 34.58 -13.54
C GLU A 73 -30.61 33.49 -12.62
N GLU A 74 -31.71 32.83 -13.00
CA GLU A 74 -32.30 31.82 -12.13
C GLU A 74 -31.38 30.62 -11.96
N CYS A 75 -30.72 30.19 -13.05
CA CYS A 75 -29.79 29.07 -12.93
C CYS A 75 -28.60 29.44 -12.07
N ARG A 76 -28.09 30.66 -12.22
CA ARG A 76 -26.97 31.12 -11.39
C ARG A 76 -27.37 31.16 -9.92
N LYS A 77 -28.61 31.52 -9.64
CA LYS A 77 -29.08 31.52 -8.26
C LYS A 77 -29.10 30.11 -7.67
N GLU A 78 -29.56 29.14 -8.46
CA GLU A 78 -29.59 27.75 -7.97
C GLU A 78 -28.18 27.21 -7.79
N LEU A 79 -27.26 27.56 -8.69
CA LEU A 79 -25.87 27.13 -8.51
C LEU A 79 -25.26 27.76 -7.26
N THR A 80 -25.62 29.01 -6.97
CA THR A 80 -25.13 29.64 -5.76
C THR A 80 -25.69 28.98 -4.50
N ALA A 81 -26.99 28.63 -4.52
CA ALA A 81 -27.57 27.96 -3.37
C ALA A 81 -26.95 26.57 -3.15
N LEU A 82 -26.61 25.89 -4.23
CA LEU A 82 -25.90 24.62 -4.09
C LEU A 82 -24.55 24.83 -3.41
N LEU A 83 -23.86 25.92 -3.75
CA LEU A 83 -22.55 26.16 -3.17
C LEU A 83 -22.67 26.49 -1.69
N HIS A 84 -23.59 27.38 -1.33
CA HIS A 84 -23.77 27.72 0.08
C HIS A 84 -24.17 26.51 0.91
N HIS A 85 -24.84 25.53 0.29
CA HIS A 85 -25.19 24.32 1.01
C HIS A 85 -24.01 23.36 1.09
N TYR A 86 -23.34 23.09 -0.03
CA TYR A 86 -22.40 21.98 -0.06
C TYR A 86 -20.97 22.38 0.23
N TYR A 87 -20.58 23.62 -0.08
CA TYR A 87 -19.20 24.02 0.18
C TYR A 87 -18.85 23.97 1.67
N PRO A 88 -19.71 24.39 2.60
CA PRO A 88 -19.40 24.19 4.02
C PRO A 88 -19.16 22.73 4.37
N ILE A 89 -19.83 21.79 3.69
CA ILE A 89 -19.54 20.38 3.95
C ILE A 89 -18.15 20.03 3.48
N GLU A 90 -17.75 20.50 2.29
CA GLU A 90 -16.45 20.17 1.75
C GLU A 90 -15.33 20.58 2.69
N ILE A 91 -15.45 21.73 3.33
CA ILE A 91 -14.38 22.29 4.16
C ILE A 91 -14.64 22.11 5.65
N ASP A 92 -15.60 21.28 6.02
CA ASP A 92 -15.87 21.00 7.43
C ASP A 92 -14.67 20.31 8.05
N PRO A 93 -14.01 20.91 9.05
CA PRO A 93 -12.80 20.28 9.60
C PRO A 93 -13.08 19.00 10.36
N HIS A 94 -14.32 18.71 10.72
CA HIS A 94 -14.65 17.61 11.62
C HIS A 94 -15.23 16.40 10.92
N ARG A 95 -15.19 16.36 9.58
CA ARG A 95 -15.70 15.23 8.81
C ARG A 95 -14.57 14.58 8.03
N THR A 96 -14.55 13.26 8.04
CA THR A 96 -13.65 12.49 7.19
C THR A 96 -14.01 12.68 5.71
N VAL A 97 -13.09 12.29 4.84
CA VAL A 97 -13.40 12.20 3.41
C VAL A 97 -14.66 11.37 3.19
N LYS A 98 -14.74 10.20 3.85
CA LYS A 98 -15.89 9.34 3.61
C LYS A 98 -17.17 9.98 4.12
N GLU A 99 -17.09 10.91 5.07
CA GLU A 99 -18.25 11.64 5.52
C GLU A 99 -18.54 12.87 4.67
N LYS A 100 -17.69 13.18 3.68
CA LYS A 100 -17.99 14.22 2.71
C LYS A 100 -18.34 13.68 1.35
N LEU A 101 -17.89 12.46 1.05
CA LEU A 101 -17.97 11.91 -0.30
C LEU A 101 -19.37 11.90 -0.88
N PRO A 102 -20.39 11.33 -0.22
CA PRO A 102 -21.73 11.33 -0.85
C PRO A 102 -22.27 12.71 -1.13
N HIS A 103 -21.97 13.69 -0.27
CA HIS A 103 -22.50 15.02 -0.48
C HIS A 103 -21.78 15.73 -1.63
N MET A 104 -20.50 15.45 -1.82
CA MET A 104 -19.80 16.02 -2.97
C MET A 104 -20.33 15.41 -4.27
N VAL A 105 -20.63 14.11 -4.26
CA VAL A 105 -21.27 13.47 -5.42
C VAL A 105 -22.62 14.11 -5.70
N GLU A 106 -23.42 14.34 -4.66
CA GLU A 106 -24.69 15.03 -4.85
C GLU A 106 -24.48 16.43 -5.42
N TRP A 107 -23.51 17.16 -4.88
CA TRP A 107 -23.27 18.53 -5.33
C TRP A 107 -22.97 18.55 -6.81
N TRP A 108 -22.05 17.70 -7.24
CA TRP A 108 -21.64 17.63 -8.64
C TRP A 108 -22.78 17.16 -9.53
N THR A 109 -23.51 16.12 -9.11
CA THR A 109 -24.63 15.63 -9.91
C THR A 109 -25.70 16.71 -10.06
N LYS A 110 -26.03 17.40 -8.96
CA LYS A 110 -27.05 18.43 -9.02
C LYS A 110 -26.64 19.60 -9.91
N ALA A 111 -25.36 19.97 -9.86
CA ALA A 111 -24.90 21.07 -10.70
C ALA A 111 -24.88 20.68 -12.18
N HIS A 112 -24.45 19.47 -12.48
CA HIS A 112 -24.46 18.99 -13.87
C HIS A 112 -25.88 18.88 -14.39
N ASN A 113 -26.78 18.28 -13.60
CA ASN A 113 -28.18 18.18 -14.01
C ASN A 113 -28.75 19.56 -14.30
N LEU A 114 -28.38 20.55 -13.48
CA LEU A 114 -28.87 21.92 -13.68
C LEU A 114 -28.36 22.50 -14.99
N LEU A 115 -27.07 22.31 -15.29
CA LEU A 115 -26.52 22.81 -16.53
C LEU A 115 -27.21 22.19 -17.73
N CYS A 116 -27.62 20.92 -17.61
CA CYS A 116 -28.30 20.23 -18.71
C CYS A 116 -29.70 20.77 -18.95
N GLN A 117 -30.30 21.45 -17.97
CA GLN A 117 -31.59 22.08 -18.16
C GLN A 117 -31.50 23.42 -18.89
N GLN A 118 -30.30 23.95 -19.06
CA GLN A 118 -30.10 25.15 -19.84
C GLN A 118 -29.88 24.79 -21.30
N LYS A 119 -30.07 25.76 -22.18
CA LYS A 119 -29.86 25.54 -23.61
C LYS A 119 -28.44 25.98 -23.98
N ILE A 120 -27.48 25.23 -23.45
CA ILE A 120 -26.07 25.49 -23.73
C ILE A 120 -25.70 24.81 -25.03
N GLN A 121 -25.00 25.53 -25.90
CA GLN A 121 -24.54 25.00 -27.17
C GLN A 121 -23.02 25.00 -27.22
N LYS A 122 -22.46 24.03 -27.95
CA LYS A 122 -21.02 23.79 -27.91
C LYS A 122 -20.23 25.04 -28.28
N PHE A 123 -20.67 25.79 -29.31
CA PHE A 123 -19.91 26.94 -29.76
C PHE A 123 -19.85 28.04 -28.72
N GLN A 124 -20.73 28.03 -27.71
CA GLN A 124 -20.75 29.10 -26.73
C GLN A 124 -19.59 29.01 -25.74
N ILE A 125 -18.97 27.84 -25.59
CA ILE A 125 -17.89 27.69 -24.63
C ILE A 125 -16.70 28.57 -25.00
N ALA A 126 -16.35 28.62 -26.29
CA ALA A 126 -15.25 29.48 -26.69
C ALA A 126 -15.57 30.95 -26.41
N GLN A 127 -16.82 31.34 -26.60
CA GLN A 127 -17.19 32.73 -26.32
C GLN A 127 -17.03 33.04 -24.84
N VAL A 128 -17.42 32.08 -23.99
CA VAL A 128 -17.30 32.28 -22.55
C VAL A 128 -15.85 32.47 -22.15
N VAL A 129 -14.95 31.67 -22.74
CA VAL A 129 -13.54 31.75 -22.37
C VAL A 129 -12.90 33.00 -22.97
N ARG A 130 -13.27 33.36 -24.20
CA ARG A 130 -12.69 34.54 -24.83
C ARG A 130 -12.96 35.80 -24.01
N GLU A 131 -14.13 35.88 -23.39
CA GLU A 131 -14.51 37.04 -22.60
C GLU A 131 -14.05 36.95 -21.15
N SER A 132 -13.55 35.79 -20.71
CA SER A 132 -13.16 35.62 -19.32
C SER A 132 -11.79 36.24 -19.07
N ASN A 133 -11.37 36.22 -17.81
CA ASN A 133 -10.07 36.70 -17.39
C ASN A 133 -9.14 35.55 -17.02
N ALA A 134 -9.25 34.44 -17.74
CA ALA A 134 -8.39 33.29 -17.52
C ALA A 134 -6.93 33.66 -17.80
N MET A 135 -6.03 33.17 -16.95
CA MET A 135 -4.61 33.44 -17.13
C MET A 135 -3.80 32.21 -16.75
N LEU A 136 -2.87 31.84 -17.61
CA LEU A 136 -1.95 30.77 -17.28
C LEU A 136 -0.72 31.33 -16.59
N ARG A 137 -0.04 30.47 -15.83
CA ARG A 137 1.14 30.91 -15.09
C ARG A 137 2.22 31.37 -16.06
N GLU A 138 3.04 32.30 -15.59
CA GLU A 138 4.18 32.75 -16.39
C GLU A 138 5.09 31.58 -16.70
N GLY A 139 5.56 31.52 -17.93
CA GLY A 139 6.37 30.42 -18.42
C GLY A 139 5.59 29.28 -19.01
N TYR A 140 4.29 29.45 -19.25
CA TYR A 140 3.48 28.38 -19.82
C TYR A 140 3.92 28.04 -21.24
N LYS A 141 4.41 29.01 -22.01
CA LYS A 141 4.92 28.69 -23.34
C LYS A 141 6.05 27.69 -23.25
N THR A 142 7.04 27.96 -22.40
CA THR A 142 8.16 27.03 -22.22
C THR A 142 7.69 25.68 -21.71
N PHE A 143 6.75 25.69 -20.75
CA PHE A 143 6.23 24.45 -20.18
C PHE A 143 5.58 23.57 -21.24
N PHE A 144 4.56 24.10 -21.93
CA PHE A 144 3.82 23.28 -22.88
C PHE A 144 4.67 22.95 -24.09
N ASN A 145 5.49 23.91 -24.55
CA ASN A 145 6.30 23.67 -25.73
C ASN A 145 7.36 22.61 -25.47
N THR A 146 7.99 22.64 -24.29
CA THR A 146 9.02 21.65 -23.99
C THR A 146 8.42 20.25 -23.85
N LEU A 147 7.27 20.14 -23.18
CA LEU A 147 6.64 18.83 -23.07
C LEU A 147 6.25 18.29 -24.44
N TYR A 148 5.70 19.15 -25.30
CA TYR A 148 5.28 18.69 -26.63
C TYR A 148 6.48 18.28 -27.50
N HIS A 149 7.51 19.13 -27.56
CA HIS A 149 8.65 18.81 -28.42
C HIS A 149 9.42 17.59 -27.94
N ASN A 150 9.26 17.21 -26.66
CA ASN A 150 9.93 16.05 -26.11
C ASN A 150 9.00 14.86 -25.92
N ASN A 151 7.78 14.92 -26.47
CA ASN A 151 6.86 13.78 -26.48
C ASN A 151 6.56 13.30 -25.06
N ILE A 152 6.36 14.24 -24.15
CA ILE A 152 6.04 13.93 -22.75
C ILE A 152 4.53 14.06 -22.57
N PRO A 153 3.82 12.98 -22.27
CA PRO A 153 2.37 13.11 -22.03
C PRO A 153 2.11 14.01 -20.83
N LEU A 154 1.14 14.91 -20.99
CA LEU A 154 0.70 15.79 -19.91
C LEU A 154 -0.77 15.50 -19.65
N PHE A 155 -1.08 14.97 -18.47
CA PHE A 155 -2.46 14.71 -18.10
C PHE A 155 -2.89 15.83 -17.18
N ILE A 156 -3.92 16.57 -17.60
CA ILE A 156 -4.42 17.71 -16.84
C ILE A 156 -5.74 17.28 -16.22
N PHE A 157 -5.81 17.33 -14.89
CA PHE A 157 -6.96 16.85 -14.14
C PHE A 157 -7.77 18.03 -13.63
N SER A 158 -9.08 17.93 -13.76
CA SER A 158 -9.98 18.94 -13.21
C SER A 158 -11.34 18.28 -12.98
N ALA A 159 -11.95 18.57 -11.84
CA ALA A 159 -13.30 18.11 -11.61
C ALA A 159 -14.34 19.07 -12.18
N GLY A 160 -13.88 20.13 -12.84
CA GLY A 160 -14.76 21.07 -13.53
C GLY A 160 -15.13 20.59 -14.93
N ILE A 161 -15.32 21.55 -15.83
CA ILE A 161 -15.79 21.27 -17.18
C ILE A 161 -14.60 21.25 -18.13
N GLY A 162 -14.37 20.09 -18.76
CA GLY A 162 -13.19 19.94 -19.62
C GLY A 162 -13.21 20.82 -20.85
N ASP A 163 -14.39 21.11 -21.39
CA ASP A 163 -14.46 22.01 -22.55
C ASP A 163 -13.93 23.39 -22.21
N ILE A 164 -14.13 23.85 -20.98
CA ILE A 164 -13.61 25.14 -20.56
C ILE A 164 -12.08 25.12 -20.52
N LEU A 165 -11.50 24.10 -19.88
CA LEU A 165 -10.05 23.98 -19.84
C LEU A 165 -9.46 23.92 -21.24
N GLU A 166 -10.05 23.07 -22.08
CA GLU A 166 -9.59 22.90 -23.45
C GLU A 166 -9.58 24.23 -24.20
N GLU A 167 -10.63 25.04 -24.02
CA GLU A 167 -10.68 26.32 -24.73
C GLU A 167 -9.67 27.32 -24.18
N ILE A 168 -9.39 27.28 -22.87
CA ILE A 168 -8.37 28.18 -22.33
C ILE A 168 -7.00 27.89 -22.96
N ILE A 169 -6.61 26.62 -22.96
CA ILE A 169 -5.31 26.24 -23.50
C ILE A 169 -5.27 26.46 -25.01
N ARG A 170 -6.37 26.13 -25.71
CA ARG A 170 -6.44 26.38 -27.14
C ARG A 170 -6.27 27.87 -27.46
N GLN A 171 -6.95 28.73 -26.70
CA GLN A 171 -6.88 30.15 -27.02
C GLN A 171 -5.51 30.75 -26.68
N MET A 172 -4.73 30.12 -25.79
CA MET A 172 -3.36 30.54 -25.52
C MET A 172 -2.37 29.92 -26.49
N LYS A 173 -2.87 29.21 -27.50
CA LYS A 173 -2.07 28.68 -28.61
C LYS A 173 -1.08 27.61 -28.14
N VAL A 174 -1.41 26.88 -27.08
CA VAL A 174 -0.51 25.86 -26.56
C VAL A 174 -1.21 24.52 -26.38
N PHE A 175 -2.30 24.29 -27.11
CA PHE A 175 -3.02 23.00 -27.03
C PHE A 175 -2.37 21.99 -27.97
N HIS A 176 -1.20 21.51 -27.56
CA HIS A 176 -0.45 20.53 -28.33
C HIS A 176 -1.04 19.14 -28.13
N PRO A 177 -0.77 18.21 -29.06
CA PRO A 177 -1.42 16.89 -29.00
C PRO A 177 -0.88 15.97 -27.91
N ASN A 178 0.14 16.39 -27.16
CA ASN A 178 0.57 15.60 -26.02
C ASN A 178 -0.28 15.88 -24.78
N ILE A 179 -1.24 16.79 -24.87
CA ILE A 179 -2.07 17.18 -23.72
C ILE A 179 -3.33 16.33 -23.71
N HIS A 180 -3.63 15.75 -22.55
CA HIS A 180 -4.81 14.90 -22.37
C HIS A 180 -5.53 15.40 -21.12
N ILE A 181 -6.67 16.06 -21.32
CA ILE A 181 -7.44 16.64 -20.22
C ILE A 181 -8.38 15.58 -19.66
N VAL A 182 -8.24 15.29 -18.37
CA VAL A 182 -9.06 14.31 -17.68
C VAL A 182 -10.05 15.11 -16.82
N SER A 183 -11.29 15.18 -17.25
CA SER A 183 -12.25 16.08 -16.64
C SER A 183 -13.66 15.63 -17.06
N ASN A 184 -14.66 16.47 -16.75
CA ASN A 184 -16.04 16.22 -17.15
C ASN A 184 -16.32 16.94 -18.47
N TYR A 185 -16.44 16.17 -19.55
CA TYR A 185 -16.68 16.75 -20.86
C TYR A 185 -18.17 16.77 -21.16
N MET A 186 -18.66 17.92 -21.64
CA MET A 186 -20.05 18.03 -22.01
C MET A 186 -20.38 17.07 -23.15
N ASP A 187 -21.57 16.47 -23.07
CA ASP A 187 -22.10 15.62 -24.12
C ASP A 187 -23.14 16.43 -24.89
N PHE A 188 -22.87 16.65 -26.17
CA PHE A 188 -23.74 17.44 -27.04
C PHE A 188 -24.46 16.51 -28.01
N ASN A 189 -25.72 16.84 -28.30
CA ASN A 189 -26.46 16.08 -29.31
C ASN A 189 -26.04 16.53 -30.71
N GLU A 190 -26.64 15.90 -31.72
CA GLU A 190 -26.32 16.26 -33.10
C GLU A 190 -26.62 17.74 -33.38
N ASP A 191 -27.69 18.26 -32.78
CA ASP A 191 -28.00 19.69 -32.92
C ASP A 191 -26.95 20.57 -32.26
N GLY A 192 -26.11 20.01 -31.38
CA GLY A 192 -25.14 20.79 -30.66
C GLY A 192 -25.57 21.29 -29.30
N PHE A 193 -26.68 20.79 -28.78
CA PHE A 193 -27.16 21.23 -27.47
C PHE A 193 -26.67 20.31 -26.37
N LEU A 194 -26.40 20.89 -25.22
CA LEU A 194 -25.92 20.11 -24.07
C LEU A 194 -27.02 19.19 -23.58
N GLN A 195 -26.73 17.90 -23.50
CA GLN A 195 -27.71 16.93 -23.00
C GLN A 195 -27.19 16.07 -21.86
N GLY A 196 -25.92 16.18 -21.49
CA GLY A 196 -25.37 15.33 -20.45
C GLY A 196 -23.88 15.54 -20.34
N PHE A 197 -23.21 14.58 -19.70
CA PHE A 197 -21.76 14.60 -19.56
C PHE A 197 -21.19 13.23 -19.89
N LYS A 198 -20.08 13.23 -20.64
CA LYS A 198 -19.48 11.99 -21.09
C LYS A 198 -18.64 11.35 -20.00
N GLY A 199 -18.55 10.02 -20.05
CA GLY A 199 -17.70 9.32 -19.12
C GLY A 199 -18.27 9.33 -17.72
N GLN A 200 -17.46 8.84 -16.78
CA GLN A 200 -17.85 8.82 -15.39
C GLN A 200 -17.63 10.18 -14.76
N LEU A 201 -18.49 10.52 -13.79
CA LEU A 201 -18.37 11.78 -13.09
C LEU A 201 -17.03 11.88 -12.39
N ILE A 202 -16.35 13.01 -12.55
CA ILE A 202 -15.15 13.32 -11.80
C ILE A 202 -15.52 14.43 -10.82
N HIS A 203 -15.45 14.11 -9.52
CA HIS A 203 -15.69 15.06 -8.43
C HIS A 203 -14.39 15.30 -7.66
N THR A 204 -14.50 15.94 -6.50
CA THR A 204 -13.26 16.33 -5.83
C THR A 204 -12.51 15.15 -5.23
N TYR A 205 -13.15 13.98 -5.09
CA TYR A 205 -12.53 12.85 -4.41
C TYR A 205 -12.14 11.70 -5.34
N ASN A 206 -12.34 11.82 -6.65
CA ASN A 206 -11.85 10.80 -7.57
C ASN A 206 -11.07 11.44 -8.71
N LYS A 207 -10.47 12.60 -8.46
CA LYS A 207 -9.67 13.28 -9.46
C LYS A 207 -8.30 12.62 -9.47
N ASN A 208 -8.26 11.44 -10.08
CA ASN A 208 -7.02 10.66 -10.12
C ASN A 208 -6.99 9.85 -11.40
N SER A 209 -5.88 9.15 -11.61
CA SER A 209 -5.55 8.53 -12.88
C SER A 209 -6.46 7.38 -13.27
N SER A 210 -7.28 6.88 -12.35
CA SER A 210 -8.22 5.83 -12.73
C SER A 210 -9.28 6.36 -13.67
N ALA A 211 -9.49 7.69 -13.70
CA ALA A 211 -10.44 8.27 -14.65
C ALA A 211 -9.93 8.22 -16.07
N CYS A 212 -8.63 8.06 -16.26
CA CYS A 212 -8.03 8.03 -17.59
C CYS A 212 -8.62 6.90 -18.44
N LEU A 221 -0.03 4.30 -22.12
CA LEU A 221 1.18 4.17 -21.31
C LEU A 221 2.17 3.21 -21.97
N GLU A 222 3.43 3.64 -22.09
CA GLU A 222 4.50 2.85 -22.69
C GLU A 222 5.76 3.02 -21.83
N GLY A 223 5.74 2.39 -20.66
CA GLY A 223 6.88 2.48 -19.77
C GLY A 223 6.99 3.78 -19.00
N LYS A 224 5.90 4.52 -18.84
CA LYS A 224 5.95 5.81 -18.16
C LYS A 224 5.88 5.59 -16.66
N THR A 225 7.01 5.13 -16.11
CA THR A 225 7.14 4.79 -14.71
C THR A 225 7.47 5.99 -13.83
N ASN A 226 7.94 7.09 -14.41
CA ASN A 226 8.37 8.25 -13.65
C ASN A 226 7.36 9.38 -13.80
N VAL A 227 7.00 10.01 -12.68
CA VAL A 227 5.92 10.98 -12.66
C VAL A 227 6.38 12.27 -12.00
N ILE A 228 6.04 13.40 -12.61
CA ILE A 228 6.07 14.70 -11.93
C ILE A 228 4.62 15.10 -11.73
N LEU A 229 4.25 15.32 -10.48
CA LEU A 229 2.91 15.73 -10.09
C LEU A 229 2.92 17.21 -9.71
N LEU A 230 2.00 17.97 -10.28
CA LEU A 230 1.83 19.40 -10.00
C LEU A 230 0.43 19.63 -9.42
N GLY A 231 0.35 20.29 -8.27
CA GLY A 231 -0.96 20.62 -7.73
C GLY A 231 -0.87 21.82 -6.82
N ASP A 232 -2.03 22.26 -6.32
CA ASP A 232 -2.06 23.37 -5.37
C ASP A 232 -2.87 23.08 -4.12
N SER A 233 -3.52 21.91 -4.05
CA SER A 233 -4.29 21.54 -2.88
C SER A 233 -3.70 20.28 -2.25
N ILE A 234 -4.06 20.01 -0.98
CA ILE A 234 -3.61 18.76 -0.40
C ILE A 234 -4.29 17.56 -1.10
N GLY A 235 -5.52 17.75 -1.58
CA GLY A 235 -6.20 16.67 -2.29
C GLY A 235 -5.51 16.25 -3.57
N ASP A 236 -4.77 17.16 -4.20
CA ASP A 236 -4.11 16.88 -5.48
C ASP A 236 -3.01 15.84 -5.36
N LEU A 237 -2.58 15.54 -4.13
CA LEU A 237 -1.52 14.55 -3.92
C LEU A 237 -1.90 13.17 -4.42
N THR A 238 -3.19 12.86 -4.52
CA THR A 238 -3.67 11.57 -4.98
C THR A 238 -3.82 11.45 -6.49
N MET A 239 -3.45 12.48 -7.26
CA MET A 239 -3.77 12.48 -8.68
C MET A 239 -3.10 11.32 -9.42
N ALA A 240 -1.90 10.94 -9.00
CA ALA A 240 -1.20 9.84 -9.65
C ALA A 240 -1.67 8.46 -9.18
N ASP A 241 -2.57 8.40 -8.21
CA ASP A 241 -3.09 7.11 -7.77
C ASP A 241 -3.85 6.45 -8.91
N GLY A 242 -3.53 5.19 -9.17
CA GLY A 242 -4.06 4.47 -10.31
C GLY A 242 -3.07 4.25 -11.43
N VAL A 243 -1.95 4.98 -11.43
CA VAL A 243 -0.90 4.75 -12.42
C VAL A 243 -0.15 3.49 -12.01
N PRO A 244 -0.11 2.46 -12.86
CA PRO A 244 0.51 1.20 -12.45
C PRO A 244 2.03 1.25 -12.51
N GLY A 245 2.66 0.59 -11.54
CA GLY A 245 4.10 0.45 -11.49
C GLY A 245 4.86 1.76 -11.52
N VAL A 246 4.52 2.69 -10.65
CA VAL A 246 5.21 3.98 -10.57
C VAL A 246 6.52 3.75 -9.82
N GLN A 247 7.65 3.91 -10.52
CA GLN A 247 8.93 3.71 -9.88
C GLN A 247 9.40 4.96 -9.13
N ASN A 248 9.16 6.14 -9.68
CA ASN A 248 9.59 7.38 -9.06
C ASN A 248 8.53 8.45 -9.25
N ILE A 249 8.32 9.26 -8.21
CA ILE A 249 7.36 10.35 -8.30
C ILE A 249 7.91 11.55 -7.52
N LEU A 250 7.75 12.73 -8.10
CA LEU A 250 8.12 13.99 -7.48
C LEU A 250 6.87 14.85 -7.43
N LYS A 251 6.48 15.27 -6.24
CA LYS A 251 5.24 16.03 -6.05
C LYS A 251 5.59 17.47 -5.73
N ILE A 252 5.09 18.39 -6.58
CA ILE A 252 5.37 19.82 -6.50
C ILE A 252 4.05 20.51 -6.23
N GLY A 253 4.01 21.30 -5.16
CA GLY A 253 2.77 21.95 -4.77
C GLY A 253 2.82 23.47 -4.70
N PHE A 254 1.85 24.12 -5.31
CA PHE A 254 1.77 25.57 -5.25
C PHE A 254 1.00 25.98 -4.00
N LEU A 255 1.64 26.77 -3.16
CA LEU A 255 1.02 27.30 -1.93
C LEU A 255 0.66 28.75 -2.25
N ASN A 256 -0.61 29.00 -2.55
CA ASN A 256 -1.06 30.29 -3.04
C ASN A 256 -1.74 31.15 -1.99
N ASP A 257 -2.32 30.52 -0.97
CA ASP A 257 -3.19 31.25 -0.06
C ASP A 257 -3.04 30.65 1.33
N LYS A 258 -3.41 31.44 2.34
CA LYS A 258 -3.35 31.01 3.74
C LYS A 258 -1.99 30.39 4.05
N VAL A 259 -0.94 31.14 3.69
CA VAL A 259 0.42 30.59 3.65
C VAL A 259 0.92 30.24 5.04
N GLU A 260 0.71 31.12 6.01
CA GLU A 260 1.24 30.84 7.34
C GLU A 260 0.52 29.66 7.96
N GLU A 261 -0.78 29.53 7.70
CA GLU A 261 -1.56 28.44 8.26
C GLU A 261 -1.23 27.10 7.61
N ARG A 262 -0.83 27.10 6.34
CA ARG A 262 -0.72 25.85 5.60
C ARG A 262 0.71 25.46 5.22
N ARG A 263 1.70 26.33 5.48
CA ARG A 263 3.07 26.07 5.04
C ARG A 263 3.62 24.76 5.60
N GLU A 264 3.50 24.55 6.92
CA GLU A 264 4.03 23.32 7.48
C GLU A 264 3.33 22.09 6.92
N ARG A 265 2.00 22.14 6.78
CA ARG A 265 1.25 21.06 6.14
C ARG A 265 1.78 20.78 4.73
N TYR A 266 1.91 21.82 3.92
CA TYR A 266 2.30 21.64 2.53
C TYR A 266 3.72 21.09 2.43
N MET A 267 4.63 21.59 3.27
CA MET A 267 6.00 21.10 3.24
C MET A 267 6.09 19.65 3.68
N ASP A 268 5.23 19.23 4.62
CA ASP A 268 5.21 17.84 5.05
C ASP A 268 4.72 16.91 3.95
N SER A 269 3.80 17.39 3.10
CA SER A 269 3.08 16.55 2.16
C SER A 269 3.67 16.56 0.74
N TYR A 270 4.16 17.71 0.29
CA TYR A 270 4.76 17.87 -1.02
C TYR A 270 6.28 17.80 -0.92
N ASP A 271 6.93 17.18 -1.92
CA ASP A 271 8.39 17.18 -1.93
C ASP A 271 8.94 18.59 -2.09
N ILE A 272 8.34 19.36 -3.00
CA ILE A 272 8.73 20.74 -3.26
C ILE A 272 7.49 21.61 -3.15
N VAL A 273 7.60 22.69 -2.38
CA VAL A 273 6.51 23.66 -2.27
C VAL A 273 6.99 24.95 -2.92
N LEU A 274 6.13 25.53 -3.76
CA LEU A 274 6.39 26.83 -4.38
C LEU A 274 5.42 27.83 -3.77
N GLU A 275 5.95 28.74 -2.96
CA GLU A 275 5.13 29.67 -2.20
C GLU A 275 4.95 30.98 -2.94
N LYS A 276 3.70 31.32 -3.25
CA LYS A 276 3.33 32.58 -3.91
C LYS A 276 4.17 32.80 -5.16
N ASP A 277 4.29 31.73 -5.95
CA ASP A 277 5.05 31.70 -7.18
C ASP A 277 4.04 31.59 -8.31
N GLU A 278 3.90 32.65 -9.10
CA GLU A 278 2.99 32.65 -10.24
C GLU A 278 3.67 32.23 -11.53
N THR A 279 4.78 31.52 -11.43
CA THR A 279 5.52 31.06 -12.59
C THR A 279 5.70 29.56 -12.54
N LEU A 280 5.98 29.00 -13.72
CA LEU A 280 6.41 27.62 -13.85
C LEU A 280 7.93 27.51 -13.94
N ASP A 281 8.65 28.52 -13.43
CA ASP A 281 10.10 28.57 -13.57
C ASP A 281 10.76 27.30 -13.02
N VAL A 282 10.39 26.90 -11.80
CA VAL A 282 11.04 25.76 -11.18
C VAL A 282 10.67 24.46 -11.90
N VAL A 283 9.41 24.32 -12.31
CA VAL A 283 9.00 23.13 -13.04
C VAL A 283 9.74 23.06 -14.36
N ASN A 284 9.88 24.20 -15.03
CA ASN A 284 10.58 24.22 -16.32
C ASN A 284 12.05 23.91 -16.14
N GLY A 285 12.68 24.43 -15.09
CA GLY A 285 14.07 24.11 -14.82
C GLY A 285 14.29 22.63 -14.55
N LEU A 286 13.40 22.02 -13.77
CA LEU A 286 13.56 20.59 -13.52
C LEU A 286 13.34 19.78 -14.80
N LEU A 287 12.36 20.19 -15.60
CA LEU A 287 12.09 19.52 -16.87
C LEU A 287 13.32 19.55 -17.77
N GLN A 288 13.94 20.71 -17.89
CA GLN A 288 15.15 20.83 -18.69
C GLN A 288 16.27 19.97 -18.12
N HIS A 289 16.41 19.95 -16.80
CA HIS A 289 17.45 19.13 -16.17
C HIS A 289 17.24 17.65 -16.47
N ILE A 290 15.99 17.19 -16.41
CA ILE A 290 15.70 15.77 -16.61
C ILE A 290 15.87 15.37 -18.06
N LEU A 291 15.34 16.19 -18.98
CA LEU A 291 15.32 15.81 -20.38
C LEU A 291 16.71 15.85 -20.99
N CYS A 292 17.54 16.81 -20.58
CA CYS A 292 18.88 16.97 -21.15
C CYS A 292 19.87 15.88 -20.74
N GLN A 293 19.56 15.03 -19.77
CA GLN A 293 20.50 13.99 -19.35
C GLN A 293 19.85 12.61 -19.52
N GLY A 294 19.71 12.18 -20.77
CA GLY A 294 19.28 10.82 -21.09
C GLY A 294 18.09 10.29 -20.30
N THR B 9 11.81 1.57 11.00
CA THR B 9 12.15 0.16 10.82
C THR B 9 11.78 -0.30 9.42
N LEU B 10 10.78 0.35 8.82
CA LEU B 10 10.33 0.01 7.49
C LEU B 10 11.28 0.49 6.40
N MET B 11 12.35 1.20 6.77
CA MET B 11 13.35 1.66 5.82
C MET B 11 14.54 0.71 5.71
N LYS B 12 14.49 -0.44 6.40
CA LYS B 12 15.57 -1.39 6.32
C LYS B 12 15.69 -1.97 4.91
N ALA B 13 16.91 -2.37 4.56
CA ALA B 13 17.16 -2.93 3.24
C ALA B 13 16.39 -4.23 3.02
N THR B 14 16.00 -4.91 4.12
CA THR B 14 15.30 -6.17 4.04
C THR B 14 13.82 -6.00 3.66
N VAL B 15 13.30 -4.78 3.68
CA VAL B 15 11.87 -4.55 3.51
C VAL B 15 11.55 -4.45 2.02
N LEU B 16 10.51 -5.15 1.58
CA LEU B 16 9.99 -5.04 0.23
C LEU B 16 8.47 -4.88 0.31
N MET B 17 7.94 -3.90 -0.41
CA MET B 17 6.50 -3.64 -0.42
C MET B 17 6.06 -3.35 -1.85
N ARG B 18 5.13 -4.17 -2.35
CA ARG B 18 4.57 -3.93 -3.68
C ARG B 18 3.75 -2.64 -3.71
N GLN B 19 2.94 -2.42 -2.67
CA GLN B 19 2.10 -1.23 -2.56
C GLN B 19 2.36 -0.60 -1.19
N PRO B 20 3.44 0.19 -1.07
CA PRO B 20 3.72 0.83 0.23
C PRO B 20 2.60 1.72 0.73
N GLY B 21 1.90 2.40 -0.17
CA GLY B 21 0.78 3.23 0.25
C GLY B 21 -0.33 2.42 0.90
N ARG B 22 -0.63 1.24 0.36
CA ARG B 22 -1.65 0.39 0.97
C ARG B 22 -1.21 -0.10 2.35
N VAL B 23 0.09 -0.36 2.52
CA VAL B 23 0.59 -0.84 3.80
C VAL B 23 0.34 0.20 4.88
N GLN B 24 0.63 1.47 4.58
CA GLN B 24 0.42 2.53 5.56
C GLN B 24 -1.06 2.70 5.89
N GLU B 25 -1.95 2.41 4.93
CA GLU B 25 -3.37 2.37 5.23
C GLU B 25 -3.68 1.23 6.19
N ILE B 26 -3.11 0.05 5.94
CA ILE B 26 -3.30 -1.08 6.84
C ILE B 26 -2.67 -0.78 8.20
N VAL B 27 -1.44 -0.26 8.20
CA VAL B 27 -0.76 0.07 9.44
C VAL B 27 -1.55 1.13 10.22
N GLY B 28 -2.01 2.17 9.52
CA GLY B 28 -2.83 3.18 10.19
C GLY B 28 -4.12 2.63 10.73
N ALA B 29 -4.71 1.65 10.03
CA ALA B 29 -5.93 1.01 10.53
C ALA B 29 -5.65 0.20 11.79
N LEU B 30 -4.54 -0.54 11.80
CA LEU B 30 -4.17 -1.29 13.01
C LEU B 30 -3.89 -0.34 14.16
N ARG B 31 -3.27 0.80 13.87
CA ARG B 31 -3.03 1.80 14.91
C ARG B 31 -4.35 2.34 15.46
N LYS B 32 -5.30 2.65 14.59
CA LYS B 32 -6.59 3.17 15.04
C LYS B 32 -7.35 2.12 15.84
N GLY B 33 -7.26 0.86 15.44
CA GLY B 33 -7.89 -0.19 16.23
C GLY B 33 -7.20 -0.41 17.55
N GLY B 34 -5.88 -0.30 17.59
CA GLY B 34 -5.12 -0.46 18.81
C GLY B 34 -5.04 -1.91 19.26
N GLY B 35 -4.52 -2.08 20.47
CA GLY B 35 -4.36 -3.41 21.04
C GLY B 35 -5.67 -4.12 21.26
N ASP B 36 -6.75 -3.37 21.49
CA ASP B 36 -8.05 -3.97 21.77
C ASP B 36 -8.48 -4.94 20.68
N ARG B 37 -8.18 -4.60 19.42
CA ARG B 37 -8.64 -5.38 18.28
C ARG B 37 -7.55 -6.23 17.65
N LEU B 38 -6.35 -6.26 18.21
CA LEU B 38 -5.21 -6.90 17.56
C LEU B 38 -5.02 -8.33 18.04
N GLN B 39 -4.68 -9.21 17.10
CA GLN B 39 -4.16 -10.55 17.39
C GLN B 39 -3.11 -10.88 16.35
N VAL B 40 -2.12 -11.67 16.75
CA VAL B 40 -1.02 -12.05 15.88
C VAL B 40 -1.11 -13.54 15.58
N ILE B 41 -1.02 -13.88 14.29
CA ILE B 41 -1.07 -15.26 13.82
C ILE B 41 0.26 -15.53 13.15
N SER B 42 1.08 -16.40 13.75
CA SER B 42 2.48 -16.54 13.35
C SER B 42 2.83 -18.01 13.11
N ASP B 43 3.53 -18.26 12.00
CA ASP B 43 4.23 -19.53 11.82
C ASP B 43 5.45 -19.58 12.73
N PHE B 44 5.92 -20.80 13.03
CA PHE B 44 7.10 -20.93 13.88
C PHE B 44 8.39 -21.15 13.10
N ASP B 45 8.54 -22.33 12.47
CA ASP B 45 9.80 -22.70 11.83
C ASP B 45 10.16 -21.72 10.72
N MET B 46 11.36 -21.15 10.81
CA MET B 46 11.91 -20.18 9.87
C MET B 46 11.14 -18.87 9.83
N THR B 47 10.21 -18.66 10.77
CA THR B 47 9.54 -17.37 10.95
C THR B 47 9.95 -16.80 12.30
N LEU B 48 9.49 -17.40 13.41
CA LEU B 48 9.98 -16.99 14.72
C LEU B 48 11.37 -17.55 14.99
N SER B 49 11.68 -18.73 14.45
CA SER B 49 13.03 -19.28 14.54
C SER B 49 13.86 -18.84 13.34
N ARG B 50 15.17 -18.84 13.54
CA ARG B 50 16.08 -18.36 12.51
C ARG B 50 16.20 -19.37 11.38
N PHE B 51 16.41 -18.86 10.17
CA PHE B 51 16.71 -19.73 9.04
C PHE B 51 18.14 -20.24 9.10
N ALA B 52 19.08 -19.35 9.42
CA ALA B 52 20.48 -19.71 9.51
C ALA B 52 21.15 -18.85 10.57
N TYR B 53 22.26 -19.33 11.11
CA TYR B 53 23.02 -18.61 12.12
C TYR B 53 24.51 -18.80 11.87
N ASN B 54 25.22 -17.68 11.78
CA ASN B 54 26.67 -17.70 11.59
C ASN B 54 27.07 -18.49 10.36
N GLY B 55 26.31 -18.33 9.28
CA GLY B 55 26.58 -19.05 8.06
C GLY B 55 26.24 -20.52 8.10
N LYS B 56 25.55 -20.97 9.14
CA LYS B 56 25.14 -22.37 9.28
C LYS B 56 23.63 -22.43 9.41
N ARG B 57 23.03 -23.41 8.74
CA ARG B 57 21.58 -23.54 8.75
C ARG B 57 21.08 -23.96 10.12
N CYS B 58 20.04 -23.28 10.60
CA CYS B 58 19.42 -23.65 11.85
C CYS B 58 18.41 -24.77 11.62
N PRO B 59 18.22 -25.65 12.59
CA PRO B 59 17.30 -26.77 12.39
C PRO B 59 15.85 -26.34 12.48
N SER B 60 15.01 -27.05 11.74
CA SER B 60 13.57 -26.96 11.93
C SER B 60 13.16 -27.82 13.13
N SER B 61 11.90 -27.68 13.54
CA SER B 61 11.40 -28.50 14.64
C SER B 61 11.46 -29.99 14.29
N TYR B 62 11.27 -30.34 13.03
CA TYR B 62 11.41 -31.74 12.60
C TYR B 62 12.85 -32.20 12.76
N ASN B 63 13.82 -31.35 12.40
CA ASN B 63 15.22 -31.73 12.52
C ASN B 63 15.63 -31.94 13.97
N ILE B 64 15.12 -31.10 14.87
CA ILE B 64 15.47 -31.20 16.28
C ILE B 64 15.11 -32.58 16.82
N LEU B 65 13.93 -33.09 16.46
CA LEU B 65 13.53 -34.42 16.91
C LEU B 65 14.30 -35.50 16.17
N ASP B 66 14.40 -35.39 14.84
CA ASP B 66 14.96 -36.48 14.05
C ASP B 66 16.43 -36.71 14.37
N ASN B 67 17.17 -35.66 14.71
CA ASN B 67 18.58 -35.78 15.02
C ASN B 67 18.85 -36.01 16.50
N SER B 68 17.81 -36.17 17.30
CA SER B 68 17.92 -36.30 18.74
C SER B 68 18.31 -37.72 19.14
N LYS B 69 18.75 -37.86 20.39
CA LYS B 69 19.16 -39.18 20.88
C LYS B 69 17.97 -40.09 21.16
N ILE B 70 16.77 -39.54 21.37
CA ILE B 70 15.61 -40.39 21.61
C ILE B 70 15.15 -41.11 20.36
N ILE B 71 15.54 -40.63 19.17
CA ILE B 71 15.17 -41.28 17.92
C ILE B 71 16.23 -42.32 17.58
N SER B 72 15.79 -43.55 17.34
CA SER B 72 16.70 -44.66 17.09
C SER B 72 17.25 -44.64 15.67
N GLU B 73 18.22 -45.51 15.43
CA GLU B 73 18.81 -45.65 14.09
C GLU B 73 17.76 -46.03 13.06
N GLU B 74 16.98 -47.08 13.34
CA GLU B 74 15.99 -47.56 12.38
C GLU B 74 14.89 -46.53 12.16
N CYS B 75 14.47 -45.86 13.23
CA CYS B 75 13.41 -44.87 13.10
C CYS B 75 13.83 -43.70 12.22
N ARG B 76 15.06 -43.22 12.38
CA ARG B 76 15.54 -42.11 11.57
C ARG B 76 15.64 -42.51 10.10
N LYS B 77 16.02 -43.76 9.82
CA LYS B 77 16.07 -44.23 8.44
C LYS B 77 14.68 -44.33 7.84
N GLU B 78 13.73 -44.85 8.61
CA GLU B 78 12.35 -44.96 8.11
C GLU B 78 11.72 -43.59 7.92
N LEU B 79 12.04 -42.63 8.79
CA LEU B 79 11.56 -41.27 8.60
C LEU B 79 12.15 -40.65 7.33
N THR B 80 13.42 -40.97 7.05
CA THR B 80 14.04 -40.46 5.83
C THR B 80 13.37 -41.05 4.59
N ALA B 81 13.07 -42.34 4.61
CA ALA B 81 12.41 -42.97 3.47
C ALA B 81 11.01 -42.39 3.26
N LEU B 82 10.31 -42.06 4.35
CA LEU B 82 9.00 -41.42 4.22
C LEU B 82 9.12 -40.08 3.50
N LEU B 83 10.16 -39.30 3.83
CA LEU B 83 10.31 -38.00 3.18
C LEU B 83 10.70 -38.16 1.71
N HIS B 84 11.61 -39.09 1.41
CA HIS B 84 12.02 -39.32 0.03
C HIS B 84 10.84 -39.69 -0.84
N HIS B 85 9.83 -40.34 -0.27
CA HIS B 85 8.62 -40.64 -1.03
C HIS B 85 7.70 -39.42 -1.10
N TYR B 86 7.44 -38.78 0.04
CA TYR B 86 6.35 -37.81 0.12
C TYR B 86 6.79 -36.37 -0.14
N TYR B 87 8.03 -36.01 0.14
CA TYR B 87 8.45 -34.63 -0.11
C TYR B 87 8.37 -34.27 -1.59
N PRO B 88 8.76 -35.13 -2.54
CA PRO B 88 8.55 -34.78 -3.96
C PRO B 88 7.09 -34.52 -4.28
N ILE B 89 6.16 -35.19 -3.58
CA ILE B 89 4.74 -34.93 -3.80
C ILE B 89 4.38 -33.53 -3.30
N GLU B 90 4.89 -33.15 -2.13
CA GLU B 90 4.58 -31.84 -1.58
C GLU B 90 5.02 -30.73 -2.53
N ILE B 91 6.18 -30.89 -3.18
CA ILE B 91 6.75 -29.83 -4.00
C ILE B 91 6.54 -30.08 -5.50
N ASP B 92 5.65 -31.00 -5.87
CA ASP B 92 5.35 -31.22 -7.28
C ASP B 92 4.69 -29.97 -7.85
N PRO B 93 5.29 -29.30 -8.84
CA PRO B 93 4.70 -28.07 -9.37
C PRO B 93 3.42 -28.30 -10.15
N HIS B 94 3.13 -29.53 -10.56
CA HIS B 94 2.02 -29.81 -11.46
C HIS B 94 0.82 -30.46 -10.76
N ARG B 95 0.80 -30.47 -9.43
CA ARG B 95 -0.32 -31.00 -8.68
C ARG B 95 -0.96 -29.88 -7.86
N THR B 96 -2.29 -29.86 -7.84
CA THR B 96 -2.98 -28.92 -6.98
C THR B 96 -2.71 -29.24 -5.51
N VAL B 97 -2.94 -28.25 -4.66
CA VAL B 97 -3.00 -28.50 -3.22
C VAL B 97 -3.97 -29.64 -2.93
N LYS B 98 -5.14 -29.61 -3.58
CA LYS B 98 -6.14 -30.64 -3.36
C LYS B 98 -5.73 -32.01 -3.89
N GLU B 99 -4.82 -32.06 -4.86
CA GLU B 99 -4.26 -33.33 -5.33
C GLU B 99 -3.06 -33.78 -4.50
N LYS B 100 -2.64 -32.99 -3.52
CA LYS B 100 -1.61 -33.39 -2.59
C LYS B 100 -2.14 -33.72 -1.20
N LEU B 101 -3.32 -33.20 -0.85
CA LEU B 101 -3.83 -33.31 0.52
C LEU B 101 -3.89 -34.73 1.05
N PRO B 102 -4.49 -35.72 0.36
CA PRO B 102 -4.51 -37.07 0.94
C PRO B 102 -3.13 -37.66 1.16
N HIS B 103 -2.18 -37.34 0.29
CA HIS B 103 -0.83 -37.89 0.43
C HIS B 103 -0.07 -37.23 1.57
N MET B 104 -0.33 -35.94 1.83
CA MET B 104 0.28 -35.29 2.98
C MET B 104 -0.30 -35.83 4.28
N VAL B 105 -1.60 -36.13 4.31
CA VAL B 105 -2.19 -36.77 5.47
C VAL B 105 -1.53 -38.12 5.72
N GLU B 106 -1.28 -38.87 4.66
CA GLU B 106 -0.56 -40.14 4.81
C GLU B 106 0.83 -39.92 5.39
N TRP B 107 1.55 -38.92 4.90
CA TRP B 107 2.91 -38.68 5.36
C TRP B 107 2.94 -38.40 6.85
N TRP B 108 2.07 -37.48 7.31
CA TRP B 108 2.02 -37.12 8.72
C TRP B 108 1.56 -38.30 9.56
N THR B 109 0.52 -38.99 9.10
CA THR B 109 -0.02 -40.13 9.85
C THR B 109 1.02 -41.22 10.01
N LYS B 110 1.72 -41.56 8.92
CA LYS B 110 2.75 -42.60 9.00
C LYS B 110 3.90 -42.18 9.90
N ALA B 111 4.26 -40.88 9.86
CA ALA B 111 5.33 -40.39 10.73
C ALA B 111 4.91 -40.41 12.19
N HIS B 112 3.66 -40.05 12.49
CA HIS B 112 3.19 -40.08 13.88
C HIS B 112 3.16 -41.51 14.42
N ASN B 113 2.61 -42.45 13.64
CA ASN B 113 2.58 -43.84 14.07
C ASN B 113 3.99 -44.35 14.37
N LEU B 114 4.96 -43.96 13.55
CA LEU B 114 6.34 -44.40 13.76
C LEU B 114 6.89 -43.84 15.07
N LEU B 115 6.68 -42.56 15.33
CA LEU B 115 7.16 -41.96 16.57
C LEU B 115 6.55 -42.65 17.78
N CYS B 116 5.28 -43.04 17.68
CA CYS B 116 4.60 -43.72 18.77
C CYS B 116 5.15 -45.12 19.01
N GLN B 117 5.86 -45.68 18.03
CA GLN B 117 6.51 -46.98 18.19
C GLN B 117 7.84 -46.88 18.92
N GLN B 118 8.35 -45.67 19.15
CA GLN B 118 9.54 -45.47 19.95
C GLN B 118 9.18 -45.33 21.43
N LYS B 119 10.18 -45.49 22.28
CA LYS B 119 9.96 -45.37 23.72
C LYS B 119 10.27 -43.93 24.15
N ILE B 120 9.45 -43.01 23.64
CA ILE B 120 9.58 -41.59 23.94
C ILE B 120 8.82 -41.29 25.23
N GLN B 121 9.48 -40.57 26.14
CA GLN B 121 8.88 -40.17 27.40
C GLN B 121 8.81 -38.65 27.48
N LYS B 122 7.80 -38.16 28.20
CA LYS B 122 7.53 -36.72 28.24
C LYS B 122 8.76 -35.93 28.70
N PHE B 123 9.48 -36.43 29.71
CA PHE B 123 10.62 -35.67 30.21
C PHE B 123 11.75 -35.56 29.18
N GLN B 124 11.77 -36.41 28.16
CA GLN B 124 12.83 -36.39 27.18
C GLN B 124 12.72 -35.22 26.21
N ILE B 125 11.54 -34.62 26.08
CA ILE B 125 11.37 -33.52 25.13
C ILE B 125 12.22 -32.32 25.53
N ALA B 126 12.22 -31.98 26.82
CA ALA B 126 13.03 -30.86 27.30
C ALA B 126 14.52 -31.13 27.10
N GLN B 127 14.96 -32.37 27.30
CA GLN B 127 16.37 -32.70 27.13
C GLN B 127 16.80 -32.56 25.67
N VAL B 128 15.95 -32.98 24.74
CA VAL B 128 16.27 -32.93 23.33
C VAL B 128 16.48 -31.48 22.88
N VAL B 129 15.60 -30.58 23.32
CA VAL B 129 15.71 -29.20 22.88
C VAL B 129 16.90 -28.51 23.56
N ARG B 130 17.15 -28.85 24.83
CA ARG B 130 18.30 -28.29 25.53
C ARG B 130 19.60 -28.64 24.83
N GLU B 131 19.68 -29.83 24.24
CA GLU B 131 20.87 -30.28 23.54
C GLU B 131 20.87 -29.89 22.06
N SER B 132 19.77 -29.39 21.54
CA SER B 132 19.66 -29.03 20.14
C SER B 132 20.31 -27.66 19.89
N ASN B 133 20.32 -27.25 18.62
CA ASN B 133 20.82 -25.93 18.22
C ASN B 133 19.66 -25.02 17.85
N ALA B 134 18.55 -25.15 18.57
CA ALA B 134 17.39 -24.30 18.33
C ALA B 134 17.73 -22.84 18.56
N MET B 135 17.27 -21.98 17.65
CA MET B 135 17.51 -20.55 17.76
C MET B 135 16.31 -19.76 17.25
N LEU B 136 15.88 -18.78 18.03
CA LEU B 136 14.85 -17.84 17.63
C LEU B 136 15.48 -16.60 16.99
N ARG B 137 14.67 -15.89 16.20
CA ARG B 137 15.14 -14.71 15.50
C ARG B 137 15.59 -13.63 16.48
N GLU B 138 16.52 -12.78 16.02
CA GLU B 138 16.98 -11.66 16.84
C GLU B 138 15.81 -10.75 17.21
N GLY B 139 15.79 -10.34 18.48
CA GLY B 139 14.71 -9.51 18.98
C GLY B 139 13.50 -10.26 19.49
N TYR B 140 13.59 -11.58 19.67
CA TYR B 140 12.44 -12.35 20.11
C TYR B 140 11.97 -11.93 21.49
N LYS B 141 12.90 -11.53 22.37
CA LYS B 141 12.52 -11.08 23.71
C LYS B 141 11.58 -9.89 23.64
N THR B 142 11.95 -8.87 22.86
CA THR B 142 11.09 -7.70 22.71
C THR B 142 9.75 -8.10 22.09
N PHE B 143 9.78 -9.04 21.13
CA PHE B 143 8.56 -9.50 20.48
C PHE B 143 7.60 -10.12 21.49
N PHE B 144 8.07 -11.12 22.24
CA PHE B 144 7.20 -11.83 23.17
C PHE B 144 6.82 -10.94 24.35
N ASN B 145 7.75 -10.11 24.84
CA ASN B 145 7.46 -9.24 25.97
C ASN B 145 6.43 -8.17 25.61
N THR B 146 6.55 -7.59 24.41
CA THR B 146 5.60 -6.54 24.01
C THR B 146 4.20 -7.11 23.83
N LEU B 147 4.09 -8.29 23.22
CA LEU B 147 2.78 -8.91 23.05
C LEU B 147 2.16 -9.27 24.39
N TYR B 148 2.97 -9.79 25.32
CA TYR B 148 2.45 -10.17 26.63
C TYR B 148 2.01 -8.94 27.43
N HIS B 149 2.88 -7.92 27.50
CA HIS B 149 2.57 -6.74 28.29
C HIS B 149 1.39 -5.95 27.72
N ASN B 150 1.06 -6.14 26.44
CA ASN B 150 -0.07 -5.45 25.85
C ASN B 150 -1.27 -6.37 25.65
N ASN B 151 -1.23 -7.57 26.23
CA ASN B 151 -2.38 -8.49 26.23
C ASN B 151 -2.83 -8.82 24.82
N ILE B 152 -1.88 -9.01 23.92
CA ILE B 152 -2.16 -9.35 22.52
C ILE B 152 -2.01 -10.88 22.38
N PRO B 153 -3.10 -11.60 22.10
CA PRO B 153 -2.96 -13.05 21.91
C PRO B 153 -2.03 -13.34 20.74
N LEU B 154 -1.13 -14.30 20.95
CA LEU B 154 -0.22 -14.76 19.92
C LEU B 154 -0.50 -16.23 19.64
N PHE B 155 -0.96 -16.52 18.43
CA PHE B 155 -1.21 -17.89 18.00
C PHE B 155 -0.05 -18.34 17.13
N ILE B 156 0.64 -19.39 17.57
CA ILE B 156 1.79 -19.93 16.86
C ILE B 156 1.36 -21.24 16.20
N PHE B 157 1.44 -21.29 14.88
CA PHE B 157 0.97 -22.43 14.12
C PHE B 157 2.15 -23.26 13.63
N SER B 158 2.02 -24.57 13.74
CA SER B 158 3.04 -25.48 13.22
C SER B 158 2.42 -26.83 12.96
N ALA B 159 2.80 -27.45 11.85
CA ALA B 159 2.42 -28.83 11.58
C ALA B 159 3.38 -29.83 12.22
N GLY B 160 4.38 -29.34 12.94
CA GLY B 160 5.30 -30.19 13.68
C GLY B 160 4.74 -30.60 15.02
N ILE B 161 5.64 -30.81 15.98
CA ILE B 161 5.27 -31.29 17.31
C ILE B 161 5.21 -30.10 18.25
N GLY B 162 4.04 -29.85 18.83
CA GLY B 162 3.87 -28.68 19.69
C GLY B 162 4.71 -28.72 20.94
N ASP B 163 4.97 -29.93 21.47
CA ASP B 163 5.81 -30.06 22.65
C ASP B 163 7.22 -29.55 22.39
N ILE B 164 7.73 -29.76 21.18
CA ILE B 164 9.05 -29.25 20.82
C ILE B 164 9.04 -27.73 20.80
N LEU B 165 8.04 -27.14 20.15
CA LEU B 165 7.91 -25.69 20.09
C LEU B 165 7.80 -25.10 21.48
N GLU B 166 6.92 -25.69 22.30
CA GLU B 166 6.71 -25.22 23.65
C GLU B 166 8.02 -25.21 24.44
N GLU B 167 8.83 -26.26 24.31
CA GLU B 167 10.07 -26.33 25.06
C GLU B 167 11.10 -25.33 24.56
N ILE B 168 11.09 -25.02 23.26
CA ILE B 168 12.00 -24.01 22.73
C ILE B 168 11.68 -22.66 23.37
N ILE B 169 10.41 -22.25 23.34
CA ILE B 169 10.03 -20.96 23.90
C ILE B 169 10.21 -20.95 25.41
N ARG B 170 9.84 -22.04 26.08
CA ARG B 170 9.98 -22.12 27.54
C ARG B 170 11.43 -21.94 27.97
N GLN B 171 12.35 -22.63 27.29
CA GLN B 171 13.76 -22.56 27.68
C GLN B 171 14.40 -21.22 27.38
N MET B 172 13.84 -20.45 26.45
CA MET B 172 14.31 -19.09 26.20
C MET B 172 13.65 -18.06 27.12
N LYS B 173 12.87 -18.52 28.09
CA LYS B 173 12.29 -17.67 29.14
C LYS B 173 11.26 -16.68 28.61
N VAL B 174 10.56 -17.03 27.53
CA VAL B 174 9.57 -16.13 26.95
C VAL B 174 8.21 -16.82 26.76
N PHE B 175 7.95 -17.89 27.51
CA PHE B 175 6.67 -18.59 27.38
C PHE B 175 5.63 -17.88 28.25
N HIS B 176 5.19 -16.73 27.76
CA HIS B 176 4.18 -15.95 28.46
C HIS B 176 2.80 -16.54 28.22
N PRO B 177 1.83 -16.28 29.11
CA PRO B 177 0.53 -16.95 29.00
C PRO B 177 -0.37 -16.40 27.90
N ASN B 178 0.05 -15.37 27.17
CA ASN B 178 -0.69 -14.93 25.99
C ASN B 178 -0.36 -15.73 24.74
N ILE B 179 0.58 -16.67 24.82
CA ILE B 179 1.02 -17.45 23.66
C ILE B 179 0.21 -18.75 23.60
N HIS B 180 -0.35 -19.03 22.42
CA HIS B 180 -1.17 -20.22 22.22
C HIS B 180 -0.62 -20.98 21.03
N ILE B 181 0.01 -22.11 21.28
CA ILE B 181 0.62 -22.92 20.24
C ILE B 181 -0.41 -23.87 19.67
N VAL B 182 -0.65 -23.77 18.36
CA VAL B 182 -1.57 -24.63 17.63
C VAL B 182 -0.74 -25.59 16.79
N SER B 183 -0.68 -26.85 17.22
CA SER B 183 0.22 -27.82 16.62
C SER B 183 -0.25 -29.22 17.00
N ASN B 184 0.57 -30.22 16.70
CA ASN B 184 0.30 -31.60 17.10
C ASN B 184 0.97 -31.86 18.44
N TYR B 185 0.17 -31.96 19.49
CA TYR B 185 0.70 -32.20 20.83
C TYR B 185 0.71 -33.69 21.12
N MET B 186 1.83 -34.17 21.66
CA MET B 186 1.95 -35.57 22.03
C MET B 186 0.96 -35.94 23.12
N ASP B 187 0.42 -37.15 23.02
CA ASP B 187 -0.46 -37.71 24.05
C ASP B 187 0.33 -38.72 24.87
N PHE B 188 0.50 -38.44 26.16
CA PHE B 188 1.25 -39.31 27.06
C PHE B 188 0.31 -40.01 28.02
N ASN B 189 0.62 -41.27 28.34
CA ASN B 189 -0.15 -41.98 29.35
C ASN B 189 0.30 -41.55 30.75
N GLU B 190 -0.33 -42.14 31.77
CA GLU B 190 0.01 -41.79 33.16
C GLU B 190 1.48 -42.06 33.45
N ASP B 191 2.05 -43.12 32.87
CA ASP B 191 3.47 -43.40 33.05
C ASP B 191 4.35 -42.32 32.43
N GLY B 192 3.80 -41.49 31.55
CA GLY B 192 4.60 -40.50 30.85
C GLY B 192 5.12 -40.94 29.51
N PHE B 193 4.64 -42.07 28.99
CA PHE B 193 5.10 -42.59 27.71
C PHE B 193 4.21 -42.09 26.59
N LEU B 194 4.83 -41.86 25.43
CA LEU B 194 4.08 -41.40 24.25
C LEU B 194 3.15 -42.49 23.75
N GLN B 195 1.87 -42.15 23.61
CA GLN B 195 0.87 -43.09 23.11
C GLN B 195 0.08 -42.58 21.92
N GLY B 196 0.23 -41.32 21.52
CA GLY B 196 -0.56 -40.80 20.43
C GLY B 196 -0.34 -39.30 20.29
N PHE B 197 -1.27 -38.65 19.60
CA PHE B 197 -1.26 -37.20 19.45
C PHE B 197 -2.65 -36.65 19.74
N LYS B 198 -2.70 -35.57 20.50
CA LYS B 198 -3.96 -34.98 20.91
C LYS B 198 -4.56 -34.11 19.81
N GLY B 199 -5.88 -34.01 19.81
CA GLY B 199 -6.57 -33.14 18.88
C GLY B 199 -6.57 -33.65 17.46
N GLN B 200 -7.04 -32.78 16.56
CA GLN B 200 -7.08 -33.12 15.14
C GLN B 200 -5.71 -32.98 14.51
N LEU B 201 -5.42 -33.85 13.55
CA LEU B 201 -4.12 -33.81 12.89
C LEU B 201 -3.93 -32.48 12.18
N ILE B 202 -2.78 -31.85 12.40
CA ILE B 202 -2.40 -30.64 11.69
C ILE B 202 -1.26 -31.01 10.74
N HIS B 203 -1.52 -30.90 9.45
CA HIS B 203 -0.53 -31.09 8.41
C HIS B 203 -0.29 -29.76 7.73
N THR B 204 0.39 -29.79 6.58
CA THR B 204 0.79 -28.55 5.93
C THR B 204 -0.37 -27.82 5.26
N TYR B 205 -1.51 -28.49 5.03
CA TYR B 205 -2.60 -27.87 4.28
C TYR B 205 -3.81 -27.52 5.14
N ASN B 206 -3.76 -27.75 6.45
CA ASN B 206 -4.82 -27.29 7.34
C ASN B 206 -4.22 -26.55 8.53
N LYS B 207 -3.05 -25.96 8.34
CA LYS B 207 -2.38 -25.17 9.36
C LYS B 207 -2.97 -23.76 9.32
N ASN B 208 -4.15 -23.62 9.91
CA ASN B 208 -4.88 -22.37 9.89
C ASN B 208 -5.70 -22.24 11.17
N SER B 209 -6.32 -21.08 11.34
CA SER B 209 -6.96 -20.71 12.60
C SER B 209 -8.17 -21.56 12.92
N SER B 210 -8.71 -22.31 11.96
CA SER B 210 -9.84 -23.19 12.27
C SER B 210 -9.45 -24.32 13.22
N ALA B 211 -8.16 -24.64 13.30
CA ALA B 211 -7.68 -25.67 14.21
C ALA B 211 -7.72 -25.27 15.68
N CYS B 212 -7.81 -23.98 15.97
CA CYS B 212 -7.76 -23.49 17.35
C CYS B 212 -8.80 -24.14 18.25
N GLU B 213 -8.34 -24.96 19.20
CA GLU B 213 -9.26 -25.62 20.12
C GLU B 213 -9.78 -24.63 21.16
N ASN B 214 -8.89 -23.90 21.81
CA ASN B 214 -9.24 -22.92 22.83
C ASN B 214 -8.75 -21.55 22.42
N SER B 215 -9.66 -20.58 22.40
CA SER B 215 -9.33 -19.20 22.03
C SER B 215 -8.73 -19.11 20.64
N GLY B 223 -13.54 -10.96 19.41
CA GLY B 223 -13.75 -9.61 18.91
C GLY B 223 -12.47 -8.98 18.41
N LYS B 224 -11.49 -9.82 18.11
CA LYS B 224 -10.18 -9.39 17.63
C LYS B 224 -10.28 -9.18 16.12
N THR B 225 -10.70 -7.97 15.74
CA THR B 225 -11.00 -7.69 14.34
C THR B 225 -9.77 -7.47 13.48
N ASN B 226 -8.63 -7.15 14.07
CA ASN B 226 -7.41 -6.83 13.34
C ASN B 226 -6.37 -7.93 13.53
N VAL B 227 -5.72 -8.31 12.43
CA VAL B 227 -4.81 -9.45 12.42
C VAL B 227 -3.47 -9.01 11.84
N ILE B 228 -2.38 -9.40 12.50
CA ILE B 228 -1.04 -9.37 11.93
C ILE B 228 -0.61 -10.81 11.68
N LEU B 229 -0.27 -11.12 10.44
CA LEU B 229 0.15 -12.46 10.04
C LEU B 229 1.65 -12.48 9.76
N LEU B 230 2.36 -13.43 10.36
CA LEU B 230 3.78 -13.62 10.14
C LEU B 230 4.02 -15.02 9.62
N GLY B 231 4.68 -15.14 8.46
CA GLY B 231 5.00 -16.42 7.89
C GLY B 231 6.23 -16.34 7.01
N ASP B 232 6.65 -17.50 6.50
CA ASP B 232 7.78 -17.59 5.60
C ASP B 232 7.49 -18.40 4.34
N SER B 233 6.31 -19.01 4.25
CA SER B 233 5.91 -19.77 3.07
C SER B 233 4.66 -19.15 2.47
N ILE B 234 4.41 -19.46 1.19
CA ILE B 234 3.18 -19.02 0.56
C ILE B 234 1.97 -19.72 1.17
N GLY B 235 2.14 -20.97 1.61
CA GLY B 235 1.05 -21.66 2.25
C GLY B 235 0.62 -20.99 3.55
N ASP B 236 1.54 -20.28 4.20
CA ASP B 236 1.26 -19.63 5.47
C ASP B 236 0.27 -18.48 5.33
N LEU B 237 -0.03 -18.03 4.10
CA LEU B 237 -1.00 -16.96 3.93
C LEU B 237 -2.39 -17.36 4.39
N THR B 238 -2.68 -18.66 4.44
CA THR B 238 -3.99 -19.13 4.85
C THR B 238 -4.11 -19.31 6.37
N MET B 239 -3.07 -18.95 7.13
CA MET B 239 -3.09 -19.22 8.56
C MET B 239 -4.23 -18.47 9.26
N ALA B 240 -4.53 -17.26 8.79
CA ALA B 240 -5.62 -16.47 9.35
C ALA B 240 -6.99 -16.88 8.84
N ASP B 241 -7.07 -17.78 7.86
CA ASP B 241 -8.36 -18.27 7.40
C ASP B 241 -9.05 -19.05 8.51
N GLY B 242 -10.32 -18.74 8.74
CA GLY B 242 -11.08 -19.28 9.85
C GLY B 242 -11.37 -18.29 10.94
N VAL B 243 -10.66 -17.16 10.97
CA VAL B 243 -10.95 -16.08 11.93
C VAL B 243 -12.19 -15.33 11.48
N PRO B 244 -13.25 -15.30 12.28
CA PRO B 244 -14.49 -14.64 11.86
C PRO B 244 -14.40 -13.13 11.94
N GLY B 245 -15.02 -12.47 10.95
CA GLY B 245 -15.11 -11.02 10.92
C GLY B 245 -13.80 -10.27 10.99
N VAL B 246 -12.85 -10.63 10.12
CA VAL B 246 -11.56 -9.95 10.08
C VAL B 246 -11.75 -8.64 9.31
N GLN B 247 -11.67 -7.52 10.01
CA GLN B 247 -11.85 -6.22 9.36
C GLN B 247 -10.56 -5.73 8.72
N ASN B 248 -9.41 -5.98 9.35
CA ASN B 248 -8.12 -5.54 8.84
C ASN B 248 -7.10 -6.63 9.05
N ILE B 249 -6.24 -6.82 8.05
CA ILE B 249 -5.20 -7.84 8.12
C ILE B 249 -3.94 -7.31 7.45
N LEU B 250 -2.80 -7.58 8.07
CA LEU B 250 -1.48 -7.26 7.52
C LEU B 250 -0.68 -8.55 7.45
N LYS B 251 -0.25 -8.93 6.26
CA LYS B 251 0.45 -10.18 6.03
C LYS B 251 1.93 -9.89 5.81
N ILE B 252 2.78 -10.46 6.64
CA ILE B 252 4.21 -10.23 6.63
C ILE B 252 4.91 -11.56 6.33
N GLY B 253 5.75 -11.56 5.31
CA GLY B 253 6.42 -12.78 4.87
C GLY B 253 7.92 -12.73 4.88
N PHE B 254 8.55 -13.74 5.48
CA PHE B 254 10.00 -13.85 5.53
C PHE B 254 10.51 -14.57 4.29
N LEU B 255 11.41 -13.92 3.56
CA LEU B 255 12.04 -14.50 2.37
C LEU B 255 13.46 -14.93 2.74
N ASN B 256 13.64 -16.21 3.02
CA ASN B 256 14.92 -16.73 3.49
C ASN B 256 15.72 -17.45 2.42
N ASP B 257 15.06 -17.97 1.39
CA ASP B 257 15.68 -18.84 0.41
C ASP B 257 15.03 -18.61 -0.94
N LYS B 258 15.74 -19.02 -2.00
CA LYS B 258 15.25 -18.90 -3.37
C LYS B 258 14.78 -17.46 -3.66
N VAL B 259 15.71 -16.52 -3.44
CA VAL B 259 15.33 -15.11 -3.41
C VAL B 259 14.80 -14.65 -4.76
N GLU B 260 15.53 -14.96 -5.84
CA GLU B 260 15.12 -14.50 -7.17
C GLU B 260 13.90 -15.26 -7.67
N GLU B 261 13.80 -16.54 -7.35
CA GLU B 261 12.72 -17.36 -7.87
C GLU B 261 11.37 -17.00 -7.24
N ARG B 262 11.37 -16.57 -5.97
CA ARG B 262 10.14 -16.39 -5.22
C ARG B 262 9.82 -14.95 -4.87
N ARG B 263 10.71 -14.00 -5.19
CA ARG B 263 10.50 -12.61 -4.77
C ARG B 263 9.18 -12.07 -5.33
N GLU B 264 8.98 -12.19 -6.65
CA GLU B 264 7.72 -11.74 -7.24
C GLU B 264 6.55 -12.50 -6.65
N ARG B 265 6.73 -13.80 -6.41
CA ARG B 265 5.74 -14.63 -5.73
C ARG B 265 5.35 -14.01 -4.39
N TYR B 266 6.35 -13.73 -3.55
CA TYR B 266 6.08 -13.25 -2.20
C TYR B 266 5.53 -11.83 -2.20
N MET B 267 6.04 -10.97 -3.08
CA MET B 267 5.63 -9.57 -3.07
C MET B 267 4.16 -9.41 -3.47
N ASP B 268 3.68 -10.23 -4.40
CA ASP B 268 2.29 -10.13 -4.82
C ASP B 268 1.33 -10.56 -3.71
N SER B 269 1.72 -11.54 -2.89
CA SER B 269 0.83 -12.16 -1.93
C SER B 269 0.96 -11.60 -0.52
N TYR B 270 2.16 -11.23 -0.10
CA TYR B 270 2.38 -10.65 1.22
C TYR B 270 2.42 -9.13 1.08
N ASP B 271 1.83 -8.45 2.06
CA ASP B 271 1.88 -6.99 2.08
C ASP B 271 3.32 -6.51 2.29
N ILE B 272 4.03 -7.11 3.23
CA ILE B 272 5.41 -6.77 3.54
C ILE B 272 6.24 -8.04 3.42
N VAL B 273 7.34 -7.96 2.69
CA VAL B 273 8.29 -9.06 2.53
C VAL B 273 9.59 -8.67 3.21
N LEU B 274 10.15 -9.59 4.00
CA LEU B 274 11.44 -9.40 4.64
C LEU B 274 12.47 -10.31 3.97
N GLU B 275 13.45 -9.69 3.32
CA GLU B 275 14.45 -10.41 2.54
C GLU B 275 15.67 -10.67 3.43
N LYS B 276 15.97 -11.96 3.64
CA LYS B 276 17.16 -12.40 4.37
C LYS B 276 17.32 -11.63 5.69
N ASP B 277 16.22 -11.52 6.43
CA ASP B 277 16.19 -10.78 7.69
C ASP B 277 16.11 -11.78 8.83
N GLU B 278 17.19 -11.89 9.61
CA GLU B 278 17.22 -12.80 10.74
C GLU B 278 16.80 -12.12 12.04
N THR B 279 16.08 -11.00 11.95
CA THR B 279 15.60 -10.28 13.12
C THR B 279 14.09 -10.08 13.00
N LEU B 280 13.46 -9.85 14.14
CA LEU B 280 12.08 -9.39 14.19
C LEU B 280 11.99 -7.89 14.40
N ASP B 281 13.08 -7.17 14.14
CA ASP B 281 13.13 -5.74 14.41
C ASP B 281 12.04 -4.99 13.66
N VAL B 282 11.85 -5.30 12.38
CA VAL B 282 10.80 -4.63 11.60
C VAL B 282 9.44 -4.98 12.17
N VAL B 283 9.26 -6.23 12.59
CA VAL B 283 8.01 -6.63 13.23
C VAL B 283 7.86 -5.93 14.58
N ASN B 284 8.96 -5.81 15.33
CA ASN B 284 8.90 -5.12 16.62
C ASN B 284 8.61 -3.64 16.46
N GLY B 285 9.20 -3.02 15.43
CA GLY B 285 8.93 -1.61 15.19
C GLY B 285 7.49 -1.33 14.86
N LEU B 286 6.90 -2.16 14.00
CA LEU B 286 5.48 -1.98 13.66
C LEU B 286 4.59 -2.29 14.86
N LEU B 287 4.95 -3.31 15.63
CA LEU B 287 4.21 -3.61 16.85
C LEU B 287 4.26 -2.43 17.81
N GLN B 288 5.45 -1.84 18.00
CA GLN B 288 5.58 -0.67 18.85
C GLN B 288 4.78 0.51 18.29
N HIS B 289 4.86 0.72 16.99
CA HIS B 289 4.15 1.84 16.37
C HIS B 289 2.65 1.70 16.55
N ILE B 290 2.12 0.50 16.35
CA ILE B 290 0.67 0.30 16.43
C ILE B 290 0.21 0.37 17.88
N LEU B 291 0.94 -0.29 18.78
CA LEU B 291 0.50 -0.39 20.17
C LEU B 291 0.63 0.96 20.89
N CYS B 292 1.64 1.76 20.54
CA CYS B 292 1.84 3.05 21.19
C CYS B 292 0.72 4.02 20.85
C2' IOO C . -17.12 27.10 -7.40
C1 IOO C . -18.28 24.64 -7.57
C1' IOO C . -17.02 24.79 -7.20
N1 IOO C . -16.54 28.29 -7.30
N4 IOO C . -18.45 26.99 -7.77
C2 IOO C . -15.10 23.37 -6.55
C3 IOO C . -15.12 22.76 -5.13
C3' IOO C . -13.82 21.94 -5.06
C4' IOO C . -13.33 22.00 -6.52
C5' IOO C . -12.92 20.58 -6.89
C6 IOO C . -19.02 25.72 -7.85
C8 IOO C . -17.45 22.69 -7.19
C11 IOO C . -19.83 22.60 -7.91
C12 IOO C . -19.91 22.33 -9.29
C13 IOO C . -19.67 20.78 -11.14
C14 IOO C . -19.58 21.07 -9.78
C15 IOO C . -20.08 21.77 -12.03
C16 IOO C . -20.33 23.32 -10.18
C17 IOO C . -20.42 23.04 -11.54
F1 IOO C . -20.17 21.51 -13.39
F2 IOO C . -20.83 24.03 -12.43
N3 IOO C . -16.43 25.99 -7.13
N7 IOO C . -18.56 23.33 -7.56
N9 IOO C . -16.49 23.59 -7.01
O2' IOO C . -15.14 23.78 -4.10
O3' IOO C . -12.83 22.56 -4.22
O4' IOO C . -14.49 22.31 -7.26
O5' IOO C . -12.45 20.48 -8.27
OP1 IOO C . -20.20 25.65 -8.18
O1 IOO C . -10.14 19.78 -8.15
OP3 IOO C . -10.93 20.68 -10.22
OP2 IOO C . -10.48 22.28 -8.37
P IOO C . -10.98 20.91 -8.72
C1 EDO D . -15.01 30.02 -2.51
O1 EDO D . -16.20 30.68 -2.07
C2 EDO D . -15.31 28.54 -2.71
O2 EDO D . -14.09 27.84 -3.00
C1 EDO E . 1.89 22.36 -33.90
O1 EDO E . 1.69 23.72 -33.49
C2 EDO E . 1.91 21.47 -32.66
O2 EDO E . 0.73 21.71 -31.91
MG MG F . -6.27 23.45 -8.29
C2' IOO G . 11.45 -32.57 7.60
C1 IOO G . 9.01 -33.78 7.75
C1' IOO G . 9.14 -32.50 7.38
N1 IOO G . 12.64 -31.97 7.52
N4 IOO G . 11.36 -33.91 7.96
C2 IOO G . 7.75 -30.58 6.78
C3 IOO G . 7.26 -30.57 5.32
C3' IOO G . 6.46 -29.27 5.22
C4' IOO G . 6.37 -28.77 6.67
C5' IOO G . 4.92 -28.35 6.93
C6 IOO G . 10.10 -34.50 8.03
C8 IOO G . 7.04 -32.95 7.38
C11 IOO G . 7.00 -35.34 8.04
C12 IOO G . 6.72 -35.46 9.39
C13 IOO G . 5.16 -35.26 11.22
C14 IOO G . 5.45 -35.13 9.87
C15 IOO G . 6.14 -35.73 12.10
C16 IOO G . 7.69 -35.92 10.27
C17 IOO G . 7.40 -36.05 11.62
F1 IOO G . 5.84 -35.85 13.47
F2 IOO G . 8.36 -36.51 12.48
N3 IOO G . 10.33 -31.89 7.33
N7 IOO G . 7.70 -34.05 7.73
N9 IOO G . 7.93 -31.99 7.21
O2' IOO G . 8.35 -30.60 4.37
O3' IOO G . 7.16 -28.32 4.42
O4' IOO G . 6.64 -29.97 7.42
O5' IOO G . 4.68 -27.87 8.26
OP1 IOO G . 10.04 -35.68 8.35
O1 IOO G . 4.21 -25.41 8.32
OP3 IOO G . 4.89 -26.45 10.33
OP2 IOO G . 6.65 -26.09 8.61
P IOO G . 5.19 -26.43 8.85
C1 EDO H . 14.92 -24.28 15.94
O1 EDO H . 15.68 -23.27 15.27
C2 EDO H . 13.43 -23.96 15.90
O2 EDO H . 12.93 -24.10 14.57
C1 EDO I . 20.87 -29.69 16.26
O1 EDO I . 21.27 -29.47 14.90
C2 EDO I . 19.37 -29.92 16.33
O2 EDO I . 19.05 -31.16 15.70
C1 EDO J . 12.28 -29.58 3.78
O1 EDO J . 13.66 -29.93 3.96
C2 EDO J . 11.44 -30.85 3.66
O2 EDO J . 11.69 -31.71 4.77
MG MG K . 7.78 -21.87 8.48
#